data_3CPZ
#
_entry.id   3CPZ
#
_cell.length_a   42.520
_cell.length_b   86.760
_cell.length_c   101.570
_cell.angle_alpha   90.00
_cell.angle_beta   90.00
_cell.angle_gamma   90.00
#
_symmetry.space_group_name_H-M   'P 21 21 21'
#
loop_
_entity.id
_entity.type
_entity.pdbx_description
1 polymer 'Erythrocyte membrane protein 1'
2 non-polymer 'SULFATE ION'
#
_entity_poly.entity_id   1
_entity_poly.type   'polypeptide(L)'
_entity_poly.pdbx_seq_one_letter_code
;MDLNATNYIRGCQSKTYDGKIFPGKGGEKQWICKDTIIHGDTNGACIPPRTQNLCVGELWDKSYGGRSNIKNDTKELLKE
KIKNAIHKETELLYEYHDTGTAIISKNDKKGQKGKNDPNGLPKGFCHAVQRSFIDYKNMILGTSVNIYEHIGKLQEDIKK
IIEKGTPQQKDKIGGVGSSTENVNAWWKGIEREMWDAVRCAITKINKKNNNSIFNGDECGVSPPTGNDEDQSVSWFKEWG
EQFCIERLRYEQNIREACTINGKNEKKCINSKSGQGDKIQGACKRKCEKYKKYISEKKQEWDKQKTKYENKYVGKSASDL
LKENYPECISANFDFIFNDNIEYKTYYPYGDYSSICSCEQVK
;
_entity_poly.pdbx_strand_id   A
#
loop_
_chem_comp.id
_chem_comp.type
_chem_comp.name
_chem_comp.formula
SO4 non-polymer 'SULFATE ION' 'O4 S -2'
#
# COMPACT_ATOMS: atom_id res chain seq x y z
N ILE A 9 9.96 13.44 -17.27
CA ILE A 9 8.78 13.49 -16.41
C ILE A 9 9.17 13.52 -14.92
N ARG A 10 9.12 14.71 -14.33
CA ARG A 10 9.44 14.97 -12.93
C ARG A 10 8.45 15.95 -12.33
N GLY A 11 8.14 15.84 -11.01
CA GLY A 11 7.36 16.88 -10.33
C GLY A 11 5.98 16.49 -9.75
N CYS A 12 5.83 15.19 -9.47
CA CYS A 12 4.59 14.66 -8.92
C CYS A 12 3.42 14.86 -9.88
N GLN A 13 3.14 13.78 -10.62
CA GLN A 13 2.05 13.77 -11.58
C GLN A 13 1.21 12.50 -11.48
N SER A 14 -0.09 12.74 -11.63
CA SER A 14 -1.20 11.77 -11.62
C SER A 14 -0.70 10.31 -11.69
N LYS A 15 -0.91 9.64 -10.55
CA LYS A 15 -0.49 8.26 -10.19
C LYS A 15 -0.72 7.24 -11.31
N THR A 16 0.16 6.23 -11.33
CA THR A 16 0.07 5.20 -12.36
C THR A 16 0.34 3.82 -11.77
N TYR A 17 0.20 3.60 -10.48
CA TYR A 17 0.57 2.27 -10.01
C TYR A 17 -0.47 1.19 -10.26
N ASP A 18 -1.68 1.58 -10.63
CA ASP A 18 -2.67 0.56 -10.94
C ASP A 18 -3.26 0.89 -12.30
N GLY A 19 -2.38 1.40 -13.17
CA GLY A 19 -2.74 1.76 -14.53
C GLY A 19 -2.85 3.28 -14.66
N LYS A 20 -3.38 3.72 -15.79
CA LYS A 20 -3.53 5.14 -16.02
C LYS A 20 -4.94 5.54 -15.66
N ILE A 21 -5.10 6.76 -15.20
CA ILE A 21 -6.41 7.30 -14.85
C ILE A 21 -7.27 7.37 -16.11
N PHE A 22 -8.59 7.38 -15.95
CA PHE A 22 -9.54 7.43 -17.08
C PHE A 22 -9.39 8.65 -18.02
N PRO A 23 -9.20 8.39 -19.34
CA PRO A 23 -9.10 7.09 -20.00
C PRO A 23 -7.67 6.80 -20.47
N GLY A 24 -6.80 6.43 -19.53
CA GLY A 24 -5.42 6.15 -19.87
C GLY A 24 -5.23 4.73 -20.34
N LYS A 25 -4.21 4.53 -21.16
CA LYS A 25 -3.90 3.20 -21.73
C LYS A 25 -3.58 2.17 -20.64
N GLY A 26 -2.76 2.56 -19.68
CA GLY A 26 -2.40 1.65 -18.60
C GLY A 26 -1.07 1.97 -17.93
N GLY A 27 -0.06 1.16 -18.24
CA GLY A 27 1.26 1.36 -17.65
C GLY A 27 1.17 1.14 -16.14
N GLU A 28 0.54 0.04 -15.78
CA GLU A 28 0.33 -0.32 -14.39
C GLU A 28 1.53 -0.95 -13.69
N LYS A 29 1.77 -0.50 -12.46
CA LYS A 29 2.87 -1.01 -11.65
C LYS A 29 2.43 -2.26 -10.90
N GLN A 30 3.39 -3.12 -10.58
CA GLN A 30 3.09 -4.34 -9.86
C GLN A 30 4.03 -4.46 -8.68
N TRP A 31 3.74 -5.39 -7.79
CA TRP A 31 4.56 -5.60 -6.60
C TRP A 31 5.92 -6.13 -6.91
N ILE A 32 6.94 -5.57 -6.26
CA ILE A 32 8.32 -6.01 -6.46
C ILE A 32 8.85 -6.78 -5.26
N CYS A 33 8.85 -8.09 -5.38
CA CYS A 33 9.34 -8.97 -4.33
C CYS A 33 10.81 -9.31 -4.49
N LYS A 34 11.67 -8.46 -3.95
CA LYS A 34 13.10 -8.70 -4.05
C LYS A 34 13.50 -9.80 -3.08
N ASP A 35 13.91 -10.94 -3.64
CA ASP A 35 14.33 -12.12 -2.86
C ASP A 35 15.48 -11.78 -1.93
N THR A 36 16.15 -10.66 -2.22
CA THR A 36 17.27 -10.19 -1.43
C THR A 36 16.84 -9.68 -0.06
N ILE A 37 16.14 -10.54 0.68
CA ILE A 37 15.65 -10.22 2.03
C ILE A 37 15.71 -11.46 2.90
N ILE A 38 16.56 -11.40 3.93
CA ILE A 38 16.77 -12.48 4.89
C ILE A 38 17.42 -11.89 6.14
N HIS A 39 17.22 -10.58 6.33
CA HIS A 39 17.76 -9.87 7.48
C HIS A 39 16.69 -9.06 8.21
N GLY A 40 16.89 -8.88 9.52
CA GLY A 40 15.97 -8.12 10.33
C GLY A 40 16.12 -6.61 10.23
N ASP A 41 16.84 -6.15 9.21
CA ASP A 41 17.04 -4.71 8.98
C ASP A 41 16.55 -4.34 7.60
N THR A 42 15.53 -5.06 7.13
CA THR A 42 14.92 -4.82 5.83
C THR A 42 13.51 -4.25 6.04
N ASN A 43 13.04 -3.44 5.09
CA ASN A 43 11.72 -2.83 5.18
C ASN A 43 10.63 -3.88 5.00
N GLY A 44 10.30 -4.19 3.74
CA GLY A 44 9.27 -5.17 3.45
C GLY A 44 9.63 -6.21 2.42
N ALA A 45 8.95 -7.36 2.49
CA ALA A 45 9.19 -8.48 1.57
C ALA A 45 9.03 -8.05 0.13
N CYS A 46 7.85 -7.49 -0.16
CA CYS A 46 7.50 -7.02 -1.48
C CYS A 46 7.12 -5.56 -1.39
N ILE A 47 7.43 -4.81 -2.44
CA ILE A 47 7.14 -3.39 -2.50
C ILE A 47 5.87 -3.08 -3.26
N PRO A 48 4.95 -2.33 -2.62
CA PRO A 48 3.67 -1.91 -3.18
C PRO A 48 3.82 -1.00 -4.37
N PRO A 49 2.90 -1.10 -5.34
CA PRO A 49 2.88 -0.28 -6.53
C PRO A 49 2.76 1.20 -6.18
N ARG A 50 2.16 1.50 -5.04
CA ARG A 50 1.99 2.88 -4.57
C ARG A 50 3.26 3.57 -4.04
N THR A 51 4.10 2.83 -3.30
CA THR A 51 5.35 3.38 -2.78
C THR A 51 6.22 3.79 -3.97
N GLN A 52 6.10 3.00 -5.03
CA GLN A 52 6.83 3.20 -6.29
C GLN A 52 6.33 4.44 -7.03
N ASN A 53 5.09 4.84 -6.76
CA ASN A 53 4.46 6.00 -7.39
C ASN A 53 4.37 7.14 -6.38
N LEU A 54 5.25 7.11 -5.38
CA LEU A 54 5.26 8.12 -4.34
C LEU A 54 5.60 9.47 -4.94
N CYS A 55 4.92 10.53 -4.51
CA CYS A 55 5.20 11.84 -5.10
C CYS A 55 6.45 12.50 -4.49
N VAL A 56 7.29 13.19 -5.26
CA VAL A 56 8.46 13.71 -4.53
C VAL A 56 8.96 15.13 -4.91
N GLY A 57 8.81 16.07 -3.94
CA GLY A 57 9.35 17.40 -4.04
C GLY A 57 10.84 17.20 -4.06
N GLU A 58 11.37 17.19 -5.29
CA GLU A 58 12.77 16.94 -5.62
C GLU A 58 13.76 16.42 -4.55
N LEU A 59 13.91 15.08 -4.64
CA LEU A 59 14.84 14.20 -3.97
C LEU A 59 15.62 13.60 -5.13
N TRP A 60 16.25 14.54 -5.85
CA TRP A 60 17.06 14.30 -7.02
C TRP A 60 17.43 12.84 -7.26
N ASP A 73 22.15 21.34 1.95
CA ASP A 73 21.50 22.57 2.40
C ASP A 73 21.37 22.63 3.92
N THR A 74 20.14 22.81 4.40
CA THR A 74 19.82 22.91 5.82
C THR A 74 18.66 22.01 6.27
N LYS A 75 18.36 22.10 7.57
CA LYS A 75 17.29 21.32 8.19
C LYS A 75 15.94 22.06 8.16
N GLU A 76 15.99 23.38 8.24
CA GLU A 76 14.78 24.18 8.24
C GLU A 76 14.11 24.16 6.86
N LEU A 77 14.92 24.03 5.81
CA LEU A 77 14.42 23.98 4.43
C LEU A 77 13.94 22.57 4.07
N LEU A 78 14.73 21.57 4.46
CA LEU A 78 14.45 20.14 4.23
C LEU A 78 13.01 19.81 4.64
N LYS A 79 12.61 20.32 5.80
CA LYS A 79 11.28 20.11 6.36
C LYS A 79 10.20 20.45 5.35
N GLU A 80 10.26 21.66 4.82
CA GLU A 80 9.27 22.12 3.84
C GLU A 80 9.28 21.30 2.55
N LYS A 81 10.45 20.86 2.12
CA LYS A 81 10.55 20.06 0.90
C LYS A 81 10.03 18.64 1.09
N ILE A 82 9.27 18.46 2.16
CA ILE A 82 8.66 17.20 2.52
C ILE A 82 7.22 17.47 2.98
N LYS A 83 7.01 18.55 3.72
CA LYS A 83 5.65 18.86 4.14
C LYS A 83 4.85 18.94 2.87
N ASN A 84 5.40 19.64 1.88
CA ASN A 84 4.74 19.82 0.61
C ASN A 84 4.67 18.54 -0.23
N ALA A 85 5.70 17.70 -0.13
CA ALA A 85 5.70 16.42 -0.86
C ALA A 85 4.41 15.68 -0.50
N ILE A 86 4.23 15.41 0.79
CA ILE A 86 3.05 14.73 1.34
C ILE A 86 1.75 15.43 0.89
N HIS A 87 1.79 16.75 0.82
CA HIS A 87 0.62 17.49 0.41
C HIS A 87 0.24 17.09 -1.01
N LYS A 88 1.23 17.11 -1.91
CA LYS A 88 1.00 16.75 -3.30
C LYS A 88 0.47 15.32 -3.40
N GLU A 89 1.20 14.40 -2.74
CA GLU A 89 0.86 12.98 -2.66
C GLU A 89 -0.60 12.77 -2.28
N THR A 90 -1.03 13.40 -1.19
CA THR A 90 -2.41 13.29 -0.71
C THR A 90 -3.44 13.72 -1.77
N GLU A 91 -3.11 14.75 -2.53
CA GLU A 91 -4.01 15.26 -3.58
C GLU A 91 -4.15 14.20 -4.66
N LEU A 92 -3.01 13.76 -5.20
CA LEU A 92 -3.01 12.73 -6.23
C LEU A 92 -3.79 11.51 -5.73
N LEU A 93 -3.63 11.22 -4.44
CA LEU A 93 -4.35 10.09 -3.86
C LEU A 93 -5.85 10.30 -3.89
N TYR A 94 -6.29 11.56 -3.86
CA TYR A 94 -7.73 11.82 -3.94
C TYR A 94 -8.18 11.63 -5.36
N GLU A 95 -7.35 12.07 -6.30
CA GLU A 95 -7.63 11.93 -7.72
C GLU A 95 -7.83 10.45 -8.05
N TYR A 96 -6.75 9.71 -7.91
CA TYR A 96 -6.71 8.28 -8.19
C TYR A 96 -7.78 7.43 -7.47
N HIS A 97 -8.37 7.95 -6.40
CA HIS A 97 -9.40 7.21 -5.67
C HIS A 97 -10.82 7.73 -5.92
N ASP A 98 -10.91 9.01 -6.24
CA ASP A 98 -12.19 9.67 -6.55
C ASP A 98 -12.73 9.04 -7.84
N THR A 99 -11.91 9.07 -8.89
CA THR A 99 -12.33 8.50 -10.17
C THR A 99 -12.68 7.03 -9.97
N GLY A 100 -11.76 6.27 -9.39
CA GLY A 100 -11.98 4.86 -9.15
C GLY A 100 -11.04 3.98 -9.93
N THR A 101 -9.86 4.51 -10.25
CA THR A 101 -8.89 3.76 -11.00
C THR A 101 -7.94 2.93 -10.13
N ALA A 102 -7.83 3.29 -8.85
CA ALA A 102 -6.98 2.54 -7.94
C ALA A 102 -7.71 1.24 -7.70
N ILE A 103 -6.98 0.14 -7.77
CA ILE A 103 -7.56 -1.20 -7.59
C ILE A 103 -8.40 -1.37 -6.33
N ILE A 104 -8.06 -0.65 -5.26
CA ILE A 104 -8.82 -0.79 -4.03
C ILE A 104 -9.96 0.21 -3.90
N SER A 105 -9.98 1.21 -4.77
CA SER A 105 -11.02 2.26 -4.74
C SER A 105 -12.32 1.82 -5.42
N LYS A 106 -12.29 0.69 -6.13
CA LYS A 106 -13.44 0.16 -6.85
C LYS A 106 -14.60 -0.45 -6.03
N ASN A 107 -15.81 -0.04 -6.39
CA ASN A 107 -17.07 -0.48 -5.76
C ASN A 107 -17.60 -1.79 -6.37
N ASP A 108 -18.93 -1.95 -6.34
CA ASP A 108 -19.61 -3.13 -6.88
C ASP A 108 -21.15 -3.03 -6.76
N LYS A 109 -21.86 -3.47 -7.81
CA LYS A 109 -23.33 -3.47 -7.86
C LYS A 109 -23.88 -4.60 -6.99
N GLY A 120 -18.43 9.40 2.75
CA GLY A 120 -17.99 10.73 2.34
C GLY A 120 -16.81 10.69 1.36
N LEU A 121 -15.61 10.49 1.88
CA LEU A 121 -14.41 10.42 1.05
C LEU A 121 -14.42 9.10 0.30
N PRO A 122 -13.76 9.05 -0.86
CA PRO A 122 -13.68 7.86 -1.69
C PRO A 122 -13.28 6.56 -0.96
N LYS A 123 -13.81 5.44 -1.43
CA LYS A 123 -13.51 4.12 -0.89
C LYS A 123 -11.99 3.91 -0.92
N GLY A 124 -11.42 3.48 0.21
CA GLY A 124 -10.01 3.19 0.30
C GLY A 124 -9.08 4.36 0.02
N PHE A 125 -9.60 5.56 0.20
CA PHE A 125 -8.81 6.78 -0.03
C PHE A 125 -7.92 7.05 1.18
N CYS A 126 -8.58 7.09 2.31
CA CYS A 126 -7.92 7.35 3.54
C CYS A 126 -6.82 6.34 3.75
N HIS A 127 -7.09 5.06 3.49
CA HIS A 127 -6.06 4.01 3.66
C HIS A 127 -4.78 4.32 2.90
N ALA A 128 -4.95 4.43 1.58
CA ALA A 128 -3.84 4.75 0.68
C ALA A 128 -3.09 5.97 1.22
N VAL A 129 -3.91 6.98 1.62
CA VAL A 129 -3.36 8.21 2.18
C VAL A 129 -2.38 7.85 3.27
N GLN A 130 -2.84 7.23 4.37
CA GLN A 130 -1.96 6.83 5.46
C GLN A 130 -0.69 6.07 4.96
N ARG A 131 -0.94 4.94 4.29
CA ARG A 131 0.14 4.09 3.77
C ARG A 131 1.29 4.92 3.19
N SER A 132 0.98 6.04 2.55
CA SER A 132 1.99 6.90 1.96
C SER A 132 2.63 7.80 2.98
N PHE A 133 1.93 7.93 4.10
CA PHE A 133 2.46 8.76 5.18
C PHE A 133 3.58 7.98 5.86
N ILE A 134 3.41 6.66 5.93
CA ILE A 134 4.38 5.79 6.56
C ILE A 134 5.66 5.65 5.73
N ASP A 135 5.49 5.45 4.43
CA ASP A 135 6.66 5.32 3.56
C ASP A 135 7.51 6.58 3.69
N TYR A 136 6.86 7.73 3.88
CA TYR A 136 7.59 9.00 4.04
C TYR A 136 8.36 9.01 5.34
N LYS A 137 7.69 8.66 6.42
CA LYS A 137 8.28 8.62 7.73
C LYS A 137 9.53 7.76 7.66
N ASN A 138 9.35 6.56 7.14
CA ASN A 138 10.46 5.63 7.03
C ASN A 138 11.50 6.10 6.00
N MET A 139 11.06 6.90 5.04
CA MET A 139 11.95 7.43 4.02
C MET A 139 12.86 8.40 4.76
N ILE A 140 12.26 9.47 5.27
CA ILE A 140 12.98 10.49 6.01
C ILE A 140 13.96 9.87 7.01
N LEU A 141 13.48 8.94 7.85
CA LEU A 141 14.33 8.31 8.85
C LEU A 141 15.35 7.36 8.23
N GLY A 142 15.18 7.08 6.94
CA GLY A 142 16.09 6.18 6.26
C GLY A 142 15.87 4.78 6.80
N THR A 143 14.63 4.47 7.16
CA THR A 143 14.31 3.12 7.65
C THR A 143 13.50 2.37 6.61
N SER A 144 13.72 2.69 5.34
CA SER A 144 12.93 2.03 4.32
C SER A 144 13.62 0.82 3.65
N VAL A 145 12.93 0.38 2.59
CA VAL A 145 13.37 -0.70 1.72
C VAL A 145 14.09 -0.13 0.51
N ASN A 146 15.34 0.22 0.88
CA ASN A 146 16.38 0.82 0.04
C ASN A 146 16.05 0.79 -1.46
N ILE A 147 15.23 1.74 -1.96
CA ILE A 147 14.80 1.76 -3.38
C ILE A 147 14.90 3.10 -4.11
N TYR A 148 14.89 2.83 -5.41
CA TYR A 148 14.95 3.77 -6.52
C TYR A 148 16.23 4.57 -6.59
N GLU A 149 16.98 4.51 -5.51
CA GLU A 149 18.28 5.20 -5.30
C GLU A 149 18.27 6.68 -5.61
N HIS A 150 17.27 7.26 -6.26
CA HIS A 150 17.35 8.72 -6.22
C HIS A 150 16.60 9.06 -4.94
N ILE A 151 15.58 8.22 -4.62
CA ILE A 151 14.81 8.40 -3.38
C ILE A 151 15.55 7.76 -2.18
N GLY A 152 16.22 6.60 -2.40
CA GLY A 152 16.96 5.89 -1.35
C GLY A 152 18.24 6.65 -1.05
N LYS A 153 18.64 7.42 -2.06
CA LYS A 153 19.79 8.26 -2.00
C LYS A 153 19.60 9.26 -0.86
N LEU A 154 18.39 9.81 -0.87
CA LEU A 154 17.87 10.84 0.00
C LEU A 154 17.91 10.58 1.51
N GLN A 155 17.89 9.30 1.87
CA GLN A 155 17.97 8.90 3.26
C GLN A 155 19.31 9.44 3.77
N GLU A 156 20.28 9.58 2.86
CA GLU A 156 21.61 10.13 3.14
C GLU A 156 21.56 11.63 3.30
N ASP A 157 20.88 12.24 2.31
CA ASP A 157 20.71 13.65 2.27
C ASP A 157 20.06 14.17 3.55
N ILE A 158 19.16 13.36 4.09
CA ILE A 158 18.44 13.66 5.33
C ILE A 158 19.36 13.41 6.54
N LYS A 159 19.62 12.13 6.82
CA LYS A 159 20.42 11.71 7.99
C LYS A 159 21.72 12.51 8.20
N LYS A 160 22.21 13.18 7.17
CA LYS A 160 23.43 13.98 7.26
C LYS A 160 23.21 15.50 7.39
N ILE A 161 22.03 15.99 7.03
CA ILE A 161 21.76 17.41 7.12
C ILE A 161 21.40 17.80 8.54
N ILE A 162 20.88 16.82 9.28
CA ILE A 162 20.47 17.00 10.67
C ILE A 162 21.65 17.35 11.58
N GLU A 163 22.73 16.57 11.46
CA GLU A 163 23.92 16.81 12.28
C GLU A 163 24.38 18.26 12.24
N LYS A 164 24.21 18.91 11.11
CA LYS A 164 24.54 20.33 10.97
C LYS A 164 23.25 21.13 11.07
N GLY A 165 22.36 20.59 11.93
CA GLY A 165 21.03 21.08 12.28
C GLY A 165 20.88 21.08 13.80
N THR A 166 21.29 20.00 14.46
CA THR A 166 21.26 19.97 15.89
C THR A 166 22.48 19.26 16.49
N PRO A 167 22.60 19.53 17.77
CA PRO A 167 23.72 19.18 18.69
C PRO A 167 24.34 17.80 18.67
N GLN A 168 24.47 17.35 19.91
CA GLN A 168 25.09 16.14 20.44
C GLN A 168 26.53 16.07 20.05
N GLN A 169 26.98 15.00 19.43
CA GLN A 169 28.38 14.88 19.03
C GLN A 169 28.96 16.15 18.39
N SER A 179 24.99 10.94 18.27
CA SER A 179 23.58 11.00 17.88
C SER A 179 23.28 10.01 16.75
N THR A 180 22.81 8.85 17.15
CA THR A 180 22.34 7.83 16.27
C THR A 180 20.83 8.12 16.10
N GLU A 181 20.13 8.10 17.23
CA GLU A 181 18.69 8.37 17.25
C GLU A 181 18.45 9.88 17.27
N ASN A 182 19.31 10.62 16.59
CA ASN A 182 19.21 12.09 16.49
C ASN A 182 18.17 12.46 15.47
N VAL A 183 18.07 11.66 14.42
CA VAL A 183 17.10 11.93 13.34
C VAL A 183 15.68 11.52 13.77
N ASN A 184 15.59 10.44 14.55
CA ASN A 184 14.31 9.96 15.05
C ASN A 184 13.66 11.04 15.86
N ALA A 185 14.44 11.63 16.76
CA ALA A 185 13.97 12.70 17.62
C ALA A 185 13.41 13.93 16.87
N TRP A 186 14.13 14.40 15.85
CA TRP A 186 13.71 15.55 15.06
C TRP A 186 12.38 15.32 14.36
N TRP A 187 12.26 14.12 13.79
CA TRP A 187 11.05 13.74 13.10
C TRP A 187 9.90 13.67 14.09
N LYS A 188 10.12 13.03 15.23
CA LYS A 188 9.07 12.89 16.25
C LYS A 188 8.41 14.22 16.59
N GLY A 189 9.18 15.30 16.56
CA GLY A 189 8.60 16.61 16.87
C GLY A 189 8.08 17.37 15.65
N ILE A 190 7.74 16.66 14.57
CA ILE A 190 7.22 17.28 13.35
C ILE A 190 6.12 16.42 12.71
N GLU A 191 5.97 15.21 13.22
CA GLU A 191 4.95 14.31 12.74
C GLU A 191 3.60 15.00 12.73
N ARG A 192 3.34 15.85 13.71
CA ARG A 192 2.06 16.57 13.82
C ARG A 192 1.93 17.63 12.74
N GLU A 193 3.08 18.16 12.33
CA GLU A 193 3.17 19.18 11.29
C GLU A 193 3.03 18.49 9.94
N MET A 194 3.69 17.34 9.80
CA MET A 194 3.64 16.56 8.58
C MET A 194 2.23 16.03 8.39
N TRP A 195 1.64 15.53 9.47
CA TRP A 195 0.29 14.99 9.39
C TRP A 195 -0.71 16.05 8.93
N ASP A 196 -0.45 17.30 9.30
CA ASP A 196 -1.31 18.39 8.89
C ASP A 196 -1.10 18.61 7.40
N ALA A 197 0.04 18.16 6.88
CA ALA A 197 0.28 18.26 5.45
C ALA A 197 -0.64 17.26 4.76
N VAL A 198 -1.46 16.58 5.57
CA VAL A 198 -2.42 15.59 5.10
C VAL A 198 -3.77 16.09 5.56
N ARG A 199 -3.85 16.43 6.83
CA ARG A 199 -5.09 16.93 7.42
C ARG A 199 -5.59 18.15 6.64
N CYS A 200 -4.66 19.05 6.29
CA CYS A 200 -4.97 20.26 5.53
C CYS A 200 -4.66 20.04 4.04
N ALA A 201 -5.48 19.18 3.41
CA ALA A 201 -5.36 18.82 2.00
C ALA A 201 -6.69 18.18 1.65
N ILE A 202 -7.27 17.52 2.65
CA ILE A 202 -8.56 16.87 2.54
C ILE A 202 -9.54 18.03 2.61
N THR A 203 -9.06 19.11 3.23
CA THR A 203 -9.82 20.32 3.40
C THR A 203 -10.00 21.04 2.06
N LYS A 204 -8.95 21.03 1.24
CA LYS A 204 -8.96 21.66 -0.07
C LYS A 204 -9.76 20.80 -1.05
N ILE A 205 -10.81 20.18 -0.53
CA ILE A 205 -11.72 19.31 -1.28
C ILE A 205 -13.13 19.70 -0.84
N ASN A 206 -13.34 19.78 0.48
CA ASN A 206 -14.60 20.11 1.16
C ASN A 206 -15.82 20.47 0.31
N LYS A 207 -15.79 21.65 -0.32
CA LYS A 207 -16.89 22.15 -1.15
C LYS A 207 -17.05 21.50 -2.52
N LYS A 208 -15.95 21.42 -3.27
CA LYS A 208 -15.92 20.87 -4.63
C LYS A 208 -17.06 19.91 -5.01
N ASN A 209 -17.02 18.72 -4.42
CA ASN A 209 -17.97 17.66 -4.69
C ASN A 209 -19.19 17.62 -3.81
N SER A 212 -17.25 21.54 3.61
CA SER A 212 -18.37 20.65 3.91
C SER A 212 -18.01 19.71 5.07
N ILE A 213 -18.35 18.43 4.92
CA ILE A 213 -18.07 17.43 5.95
C ILE A 213 -16.60 16.96 5.97
N PHE A 214 -15.73 17.69 5.29
CA PHE A 214 -14.30 17.37 5.25
C PHE A 214 -13.46 18.28 6.14
N ASN A 215 -13.63 18.14 7.45
CA ASN A 215 -12.87 18.93 8.41
C ASN A 215 -11.46 18.37 8.56
N GLY A 216 -11.11 17.42 7.69
CA GLY A 216 -9.78 16.84 7.70
C GLY A 216 -9.43 15.78 8.71
N ASP A 217 -10.39 15.31 9.49
CA ASP A 217 -10.08 14.28 10.48
C ASP A 217 -10.70 12.96 10.03
N GLU A 218 -11.26 12.96 8.81
CA GLU A 218 -11.93 11.78 8.27
C GLU A 218 -10.97 10.62 8.18
N CYS A 219 -9.68 10.95 8.02
CA CYS A 219 -8.61 9.95 7.94
C CYS A 219 -7.83 9.91 9.27
N GLY A 220 -8.51 10.08 10.39
CA GLY A 220 -7.84 10.10 11.68
C GLY A 220 -7.27 11.50 11.94
N VAL A 221 -7.47 11.98 13.16
CA VAL A 221 -6.97 13.31 13.58
C VAL A 221 -5.46 13.21 13.88
N SER A 222 -4.95 11.98 13.83
CA SER A 222 -3.56 11.69 14.09
C SER A 222 -3.05 10.65 13.08
N PRO A 223 -1.75 10.68 12.78
CA PRO A 223 -1.07 9.78 11.84
C PRO A 223 -1.06 8.35 12.34
N PRO A 224 -1.10 7.37 11.42
CA PRO A 224 -1.11 5.95 11.75
C PRO A 224 -0.12 5.51 12.83
N THR A 225 -0.49 4.45 13.51
CA THR A 225 0.33 3.92 14.57
C THR A 225 -0.13 2.47 14.85
N GLY A 226 0.39 1.84 15.90
CA GLY A 226 0.02 0.47 16.21
C GLY A 226 0.85 -0.47 15.34
N ASN A 227 0.19 -1.36 14.60
CA ASN A 227 0.90 -2.30 13.73
C ASN A 227 1.56 -1.59 12.52
N ASP A 228 0.99 -0.45 12.11
CA ASP A 228 1.49 0.33 10.98
C ASP A 228 2.81 1.04 11.30
N GLU A 229 3.20 1.06 12.58
CA GLU A 229 4.47 1.67 12.99
C GLU A 229 5.69 0.84 12.52
N ASP A 230 5.43 -0.10 11.59
CA ASP A 230 6.43 -0.99 11.00
C ASP A 230 6.07 -1.14 9.53
N GLN A 231 6.90 -0.56 8.67
CA GLN A 231 6.66 -0.55 7.23
C GLN A 231 6.34 -1.92 6.65
N SER A 232 7.03 -2.92 7.14
CA SER A 232 6.79 -4.28 6.68
C SER A 232 5.29 -4.64 6.74
N VAL A 233 4.65 -4.28 7.86
CA VAL A 233 3.24 -4.55 8.12
C VAL A 233 2.31 -3.68 7.28
N SER A 234 2.66 -2.42 7.14
CA SER A 234 1.82 -1.53 6.37
C SER A 234 1.69 -1.96 4.92
N TRP A 235 2.78 -2.51 4.38
CA TRP A 235 2.88 -2.97 3.03
C TRP A 235 2.13 -4.28 2.85
N PHE A 236 2.30 -5.14 3.83
CA PHE A 236 1.66 -6.43 3.79
C PHE A 236 0.16 -6.24 3.92
N LYS A 237 -0.27 -5.41 4.85
CA LYS A 237 -1.70 -5.13 5.02
C LYS A 237 -2.22 -4.59 3.69
N GLU A 238 -1.42 -3.75 3.02
CA GLU A 238 -1.80 -3.22 1.71
C GLU A 238 -2.06 -4.35 0.73
N TRP A 239 -1.11 -5.24 0.62
CA TRP A 239 -1.19 -6.38 -0.30
C TRP A 239 -2.50 -7.14 -0.08
N GLY A 240 -2.88 -7.28 1.19
CA GLY A 240 -4.08 -8.00 1.59
C GLY A 240 -5.37 -7.32 1.21
N GLU A 241 -5.48 -6.01 1.46
CA GLU A 241 -6.69 -5.29 1.11
C GLU A 241 -6.88 -5.37 -0.39
N GLN A 242 -5.78 -5.22 -1.13
CA GLN A 242 -5.78 -5.29 -2.59
C GLN A 242 -6.23 -6.65 -3.10
N PHE A 243 -5.59 -7.70 -2.61
CA PHE A 243 -5.95 -9.05 -3.03
C PHE A 243 -7.43 -9.32 -2.81
N CYS A 244 -7.86 -9.36 -1.54
CA CYS A 244 -9.26 -9.63 -1.19
C CYS A 244 -10.29 -8.89 -2.03
N ILE A 245 -10.01 -7.63 -2.34
CA ILE A 245 -10.93 -6.85 -3.14
C ILE A 245 -10.99 -7.41 -4.55
N GLU A 246 -9.83 -7.70 -5.15
CA GLU A 246 -9.83 -8.28 -6.48
C GLU A 246 -10.50 -9.65 -6.44
N ARG A 247 -10.26 -10.40 -5.36
CA ARG A 247 -10.86 -11.71 -5.22
C ARG A 247 -12.38 -11.57 -5.22
N LEU A 248 -12.90 -10.55 -4.55
CA LEU A 248 -14.33 -10.32 -4.53
C LEU A 248 -14.74 -9.87 -5.90
N ARG A 249 -13.79 -9.26 -6.61
CA ARG A 249 -14.04 -8.76 -7.94
C ARG A 249 -14.25 -9.93 -8.90
N TYR A 250 -13.62 -11.07 -8.60
CA TYR A 250 -13.74 -12.27 -9.43
C TYR A 250 -15.04 -13.05 -9.23
N GLU A 251 -15.45 -13.16 -7.97
CA GLU A 251 -16.69 -13.84 -7.60
C GLU A 251 -17.86 -13.06 -8.18
N GLN A 252 -17.75 -11.73 -8.18
CA GLN A 252 -18.82 -10.89 -8.73
C GLN A 252 -18.89 -11.00 -10.25
N ASN A 253 -17.87 -11.63 -10.84
CA ASN A 253 -17.83 -11.84 -12.29
C ASN A 253 -18.24 -13.26 -12.56
N ILE A 254 -17.85 -14.17 -11.68
CA ILE A 254 -18.23 -15.55 -11.83
C ILE A 254 -19.72 -15.67 -11.53
N ARG A 255 -20.13 -15.23 -10.35
CA ARG A 255 -21.55 -15.29 -9.96
C ARG A 255 -22.46 -14.56 -10.95
N GLU A 256 -22.05 -13.35 -11.34
CA GLU A 256 -22.79 -12.50 -12.28
C GLU A 256 -22.59 -12.96 -13.73
N ALA A 257 -22.23 -14.23 -13.89
CA ALA A 257 -22.01 -14.81 -15.21
C ALA A 257 -22.08 -16.32 -15.13
N CYS A 258 -23.03 -16.81 -14.35
CA CYS A 258 -23.26 -18.25 -14.19
C CYS A 258 -24.66 -18.44 -13.60
N THR A 259 -25.67 -17.93 -14.32
CA THR A 259 -27.08 -18.04 -13.90
C THR A 259 -27.83 -19.08 -14.72
N ILE A 279 -20.29 -26.83 -15.50
CA ILE A 279 -20.56 -27.28 -16.86
C ILE A 279 -19.46 -26.89 -17.85
N GLN A 280 -19.49 -25.66 -18.37
CA GLN A 280 -18.47 -25.21 -19.35
C GLN A 280 -18.39 -23.69 -19.64
N GLY A 281 -18.36 -23.34 -20.92
CA GLY A 281 -18.32 -21.95 -21.46
C GLY A 281 -17.64 -20.86 -20.65
N ALA A 282 -18.20 -19.64 -20.79
CA ALA A 282 -17.73 -18.41 -20.14
C ALA A 282 -17.51 -18.56 -18.64
N CYS A 283 -18.29 -19.44 -18.03
CA CYS A 283 -18.16 -19.70 -16.60
C CYS A 283 -17.09 -20.77 -16.46
N LYS A 284 -16.00 -20.55 -17.20
CA LYS A 284 -14.83 -21.42 -17.21
C LYS A 284 -13.68 -20.53 -17.67
N ARG A 285 -14.02 -19.48 -18.42
CA ARG A 285 -13.04 -18.51 -18.88
C ARG A 285 -12.78 -17.61 -17.67
N LYS A 286 -13.87 -17.18 -17.02
CA LYS A 286 -13.79 -16.35 -15.82
C LYS A 286 -13.10 -17.11 -14.68
N CYS A 287 -13.34 -18.42 -14.63
CA CYS A 287 -12.76 -19.27 -13.62
C CYS A 287 -11.26 -19.46 -13.84
N GLU A 288 -10.88 -19.62 -15.11
CA GLU A 288 -9.47 -19.80 -15.46
C GLU A 288 -8.68 -18.54 -15.11
N LYS A 289 -9.27 -17.38 -15.42
CA LYS A 289 -8.64 -16.09 -15.13
C LYS A 289 -8.51 -15.87 -13.62
N TYR A 290 -9.08 -16.77 -12.84
CA TYR A 290 -9.03 -16.71 -11.39
C TYR A 290 -7.88 -17.54 -10.89
N LYS A 291 -7.87 -18.83 -11.26
CA LYS A 291 -6.79 -19.71 -10.86
C LYS A 291 -5.52 -19.04 -11.35
N LYS A 292 -5.68 -18.18 -12.38
CA LYS A 292 -4.58 -17.42 -12.96
C LYS A 292 -4.07 -16.45 -11.94
N TYR A 293 -4.99 -15.64 -11.41
CA TYR A 293 -4.66 -14.62 -10.42
C TYR A 293 -4.05 -15.22 -9.16
N ILE A 294 -4.53 -16.39 -8.74
CA ILE A 294 -3.94 -17.02 -7.55
C ILE A 294 -2.57 -17.54 -7.92
N SER A 295 -2.43 -17.98 -9.18
CA SER A 295 -1.18 -18.50 -9.72
C SER A 295 -0.06 -17.48 -9.56
N GLU A 296 -0.33 -16.28 -10.06
CA GLU A 296 0.62 -15.18 -9.99
C GLU A 296 0.84 -14.79 -8.53
N LYS A 297 -0.26 -14.68 -7.78
CA LYS A 297 -0.23 -14.27 -6.39
C LYS A 297 0.39 -15.18 -5.37
N LYS A 298 0.25 -16.48 -5.57
CA LYS A 298 0.82 -17.49 -4.68
C LYS A 298 2.23 -17.15 -4.17
N GLN A 299 3.08 -16.71 -5.09
CA GLN A 299 4.47 -16.34 -4.79
C GLN A 299 4.58 -15.17 -3.80
N GLU A 300 3.79 -14.12 -4.04
CA GLU A 300 3.79 -12.93 -3.19
C GLU A 300 3.21 -13.14 -1.81
N TRP A 301 2.20 -14.00 -1.69
CA TRP A 301 1.63 -14.27 -0.39
C TRP A 301 2.61 -15.05 0.44
N ASP A 302 3.13 -16.14 -0.11
CA ASP A 302 4.11 -16.94 0.62
C ASP A 302 5.31 -16.14 1.10
N LYS A 303 5.94 -15.38 0.21
CA LYS A 303 7.10 -14.57 0.62
C LYS A 303 6.75 -13.70 1.82
N GLN A 304 5.75 -12.83 1.62
CA GLN A 304 5.26 -11.90 2.65
C GLN A 304 4.78 -12.62 3.90
N LYS A 305 3.82 -13.54 3.74
CA LYS A 305 3.25 -14.31 4.85
C LYS A 305 4.30 -14.89 5.76
N THR A 306 5.34 -15.47 5.16
CA THR A 306 6.44 -16.08 5.90
C THR A 306 7.19 -15.04 6.72
N LYS A 307 7.62 -13.97 6.05
CA LYS A 307 8.36 -12.88 6.69
C LYS A 307 7.76 -12.35 7.98
N TYR A 308 6.42 -12.27 8.00
CA TYR A 308 5.67 -11.76 9.14
C TYR A 308 5.70 -12.68 10.36
N GLU A 309 5.21 -13.91 10.19
CA GLU A 309 5.12 -14.87 11.28
C GLU A 309 6.45 -15.24 11.95
N ASN A 310 7.59 -14.97 11.27
CA ASN A 310 8.93 -15.19 11.81
C ASN A 310 9.35 -14.01 12.68
N LYS A 311 9.17 -12.81 12.11
CA LYS A 311 9.56 -11.54 12.73
C LYS A 311 8.79 -11.20 13.98
N TYR A 312 7.51 -11.51 13.95
CA TYR A 312 6.55 -11.27 15.03
C TYR A 312 6.08 -12.57 15.63
N VAL A 313 6.83 -13.10 16.56
CA VAL A 313 6.64 -14.38 17.22
C VAL A 313 5.25 -14.84 17.60
N GLY A 314 4.78 -15.81 16.84
CA GLY A 314 3.49 -16.48 17.06
C GLY A 314 2.18 -15.78 16.67
N LYS A 315 2.17 -14.89 15.68
CA LYS A 315 0.91 -14.26 15.23
C LYS A 315 0.53 -14.83 13.88
N SER A 316 -0.72 -14.71 13.41
CA SER A 316 -1.01 -15.33 12.11
C SER A 316 -1.35 -14.33 11.02
N ALA A 317 -0.78 -14.53 9.84
CA ALA A 317 -0.97 -13.65 8.70
C ALA A 317 -2.42 -13.40 8.33
N SER A 318 -3.26 -14.44 8.41
CA SER A 318 -4.65 -14.32 8.01
C SER A 318 -5.53 -13.53 8.98
N ASP A 319 -5.12 -13.40 10.23
CA ASP A 319 -5.92 -12.64 11.17
C ASP A 319 -5.70 -11.17 10.86
N LEU A 320 -4.42 -10.84 10.67
CA LEU A 320 -3.98 -9.49 10.35
C LEU A 320 -4.78 -8.88 9.20
N LEU A 321 -4.89 -9.63 8.11
CA LEU A 321 -5.63 -9.21 6.92
C LEU A 321 -7.15 -9.25 7.10
N LYS A 322 -7.62 -10.22 7.88
CA LYS A 322 -9.05 -10.33 8.12
C LYS A 322 -9.48 -9.35 9.20
N GLU A 323 -8.57 -9.01 10.09
CA GLU A 323 -8.80 -8.06 11.15
C GLU A 323 -9.01 -6.67 10.60
N ASN A 324 -8.36 -6.33 9.48
CA ASN A 324 -8.46 -4.98 8.99
C ASN A 324 -9.34 -4.76 7.78
N TYR A 325 -9.77 -5.81 7.11
CA TYR A 325 -10.48 -5.46 5.90
C TYR A 325 -11.69 -6.34 5.64
N PRO A 326 -12.84 -5.75 5.56
CA PRO A 326 -14.05 -6.56 5.40
C PRO A 326 -14.03 -7.60 4.28
N GLU A 327 -13.41 -7.22 3.17
CA GLU A 327 -13.32 -8.05 1.98
C GLU A 327 -12.50 -9.30 2.20
N CYS A 328 -11.66 -9.30 3.24
CA CYS A 328 -10.79 -10.43 3.48
C CYS A 328 -11.50 -11.50 4.34
N ILE A 329 -12.60 -11.14 4.98
CA ILE A 329 -13.34 -12.09 5.81
C ILE A 329 -13.81 -13.30 5.03
N SER A 330 -14.40 -13.04 3.86
CA SER A 330 -14.92 -14.13 3.03
C SER A 330 -13.83 -14.90 2.32
N ALA A 331 -12.59 -14.75 2.76
CA ALA A 331 -11.47 -15.42 2.12
C ALA A 331 -10.55 -16.20 3.05
N ASN A 332 -10.54 -17.52 2.90
CA ASN A 332 -9.74 -18.46 3.69
C ASN A 332 -8.33 -18.50 3.08
N PHE A 333 -7.40 -17.79 3.68
CA PHE A 333 -6.02 -17.71 3.14
C PHE A 333 -5.18 -18.97 2.97
N ASP A 334 -5.09 -19.82 3.98
CA ASP A 334 -4.30 -21.03 3.86
C ASP A 334 -4.92 -22.03 2.88
N PHE A 335 -6.20 -21.84 2.59
CA PHE A 335 -6.95 -22.71 1.67
C PHE A 335 -6.85 -22.25 0.21
N ILE A 336 -6.91 -20.95 -0.01
CA ILE A 336 -6.83 -20.39 -1.36
C ILE A 336 -5.45 -20.67 -1.92
N PHE A 337 -4.45 -20.58 -1.05
CA PHE A 337 -3.07 -20.83 -1.41
C PHE A 337 -2.59 -22.11 -0.70
N ASN A 338 -3.31 -23.22 -0.88
CA ASN A 338 -2.90 -24.47 -0.23
C ASN A 338 -1.73 -25.21 -0.90
N ASP A 339 -0.90 -25.84 -0.08
CA ASP A 339 0.28 -26.56 -0.56
C ASP A 339 0.00 -27.81 -1.42
N ASN A 340 -0.59 -28.85 -0.82
CA ASN A 340 -0.89 -30.15 -1.48
C ASN A 340 -1.24 -30.18 -2.99
N ILE A 341 -0.61 -31.12 -3.70
CA ILE A 341 -0.81 -31.29 -5.14
C ILE A 341 -2.22 -31.70 -5.56
N GLU A 342 -2.83 -32.62 -4.82
CA GLU A 342 -4.18 -33.11 -5.12
C GLU A 342 -5.22 -32.00 -5.17
N TYR A 343 -4.98 -30.91 -4.43
CA TYR A 343 -5.90 -29.77 -4.41
C TYR A 343 -6.02 -29.13 -5.80
N LYS A 344 -4.92 -29.16 -6.55
CA LYS A 344 -4.89 -28.62 -7.92
C LYS A 344 -5.59 -29.59 -8.87
N THR A 345 -6.30 -30.57 -8.27
CA THR A 345 -7.05 -31.61 -8.97
C THR A 345 -8.48 -31.70 -8.44
N TYR A 346 -8.63 -31.62 -7.11
CA TYR A 346 -9.94 -31.68 -6.46
C TYR A 346 -10.63 -30.33 -6.62
N TYR A 347 -9.83 -29.27 -6.61
CA TYR A 347 -10.31 -27.90 -6.77
C TYR A 347 -9.50 -27.19 -7.86
N PRO A 348 -9.90 -27.33 -9.13
CA PRO A 348 -9.21 -26.69 -10.27
C PRO A 348 -9.37 -25.18 -10.29
N TYR A 349 -10.30 -24.66 -9.48
CA TYR A 349 -10.52 -23.21 -9.39
C TYR A 349 -10.41 -22.70 -7.97
N GLY A 350 -10.24 -23.63 -7.03
CA GLY A 350 -10.09 -23.26 -5.63
C GLY A 350 -11.38 -23.04 -4.86
N ASP A 351 -11.33 -22.04 -3.98
CA ASP A 351 -12.47 -21.67 -3.15
C ASP A 351 -13.68 -21.30 -3.98
N TYR A 352 -13.48 -21.12 -5.28
CA TYR A 352 -14.57 -20.77 -6.18
C TYR A 352 -15.01 -21.92 -7.06
N SER A 353 -14.48 -23.11 -6.80
CA SER A 353 -14.84 -24.32 -7.55
C SER A 353 -16.31 -24.65 -7.28
N SER A 354 -16.89 -23.99 -6.29
CA SER A 354 -18.28 -24.16 -5.94
C SER A 354 -19.02 -23.38 -7.03
N ILE A 355 -18.72 -22.08 -7.09
CA ILE A 355 -19.33 -21.19 -8.08
C ILE A 355 -18.96 -21.57 -9.51
N CYS A 356 -17.86 -22.31 -9.67
CA CYS A 356 -17.39 -22.75 -10.99
C CYS A 356 -17.93 -24.11 -11.41
N SER A 357 -18.77 -24.70 -10.56
CA SER A 357 -19.37 -26.01 -10.85
C SER A 357 -20.90 -25.88 -10.91
S SO4 B . -15.97 1.75 -14.67
O1 SO4 B . -16.23 0.13 -14.93
O2 SO4 B . -15.22 2.27 -16.05
O3 SO4 B . -17.33 2.46 -14.62
O4 SO4 B . -15.00 1.90 -13.48
#